data_1MDX
#
_entry.id   1MDX
#
_cell.length_a   91.152
_cell.length_b   91.152
_cell.length_c   128.683
_cell.angle_alpha   90.00
_cell.angle_beta   90.00
_cell.angle_gamma   90.00
#
_symmetry.space_group_name_H-M   'P 43 21 2'
#
loop_
_entity.id
_entity.type
_entity.pdbx_description
1 polymer 'UDP-4-amino-4-deoxy-L-arabinose--oxoglutarate aminotransferase'
2 non-polymer '2-OXOGLUTARIC ACID'
3 non-polymer GLYCEROL
4 water water
#
_entity_poly.entity_id   1
_entity_poly.type   'polypeptide(L)'
_entity_poly.pdbx_seq_one_letter_code
;MAEGKMMSDFLPFSRPAMGAEELAAVKTVLDSGWITTGPKNQELEAAFCRLTGNQYAVAVSSATAGMHIALMALGIGEGD
EVITPSMTWVSTLNMIVLLGANPVMVDVDRDTLMVTPEHIEAAITPQTKAIIPVHYAGAPADLDAIYALGERYGIPVIED
AAHATGTSYKGRHIGARGTAIFSFHAI(LLP)NITCAEGGIVVTDNPQFADKLRSLKFHGLGVDAWDRQSGGRAPQAEVL
APGYKYNLPDLNAAIALAQLQKLDALNARRAAIAAQYHQAMADLPFQPLSLPSWEHIHAWHLFIIRVDEARCGITRDALM
ASLKTKGIGTGLHFRAAHTQKYYRERFPTLTLPDTEWNSERICSLPLFPDMTESDFDRVITALHQIAGQGSHHHHHH
;
_entity_poly.pdbx_strand_id   A
#
loop_
_chem_comp.id
_chem_comp.type
_chem_comp.name
_chem_comp.formula
AKG non-polymer '2-OXOGLUTARIC ACID' 'C5 H6 O5'
GOL non-polymer GLYCEROL 'C3 H8 O3'
#
# COMPACT_ATOMS: atom_id res chain seq x y z
N ASP A 9 28.32 -6.38 7.01
CA ASP A 9 27.42 -5.24 7.17
C ASP A 9 26.26 -5.28 6.18
N PHE A 10 25.35 -6.24 6.36
CA PHE A 10 24.20 -6.35 5.48
C PHE A 10 23.43 -5.06 5.30
N LEU A 11 23.02 -4.79 4.06
CA LEU A 11 22.22 -3.62 3.75
C LEU A 11 20.84 -4.05 3.25
N PRO A 12 19.84 -3.99 4.11
CA PRO A 12 18.48 -4.41 3.76
C PRO A 12 17.85 -3.45 2.79
N PHE A 13 16.78 -3.88 2.10
CA PHE A 13 16.13 -2.97 1.16
C PHE A 13 15.38 -1.87 1.90
N SER A 14 15.04 -2.08 3.17
CA SER A 14 14.31 -1.05 3.93
C SER A 14 14.71 -1.10 5.40
N ARG A 15 14.57 0.02 6.10
CA ARG A 15 14.82 0.17 7.51
C ARG A 15 13.86 1.25 8.05
N PRO A 16 13.23 1.00 9.18
CA PRO A 16 12.31 2.01 9.73
C PRO A 16 13.10 3.22 10.23
N ALA A 17 12.49 4.40 10.16
CA ALA A 17 13.20 5.63 10.64
C ALA A 17 12.81 5.90 12.08
N MET A 18 13.28 5.07 13.00
CA MET A 18 12.96 5.14 14.40
C MET A 18 14.04 5.98 15.14
N GLY A 19 13.62 6.96 15.92
CA GLY A 19 14.59 7.77 16.67
C GLY A 19 14.12 8.06 18.07
N ALA A 20 14.54 9.20 18.64
CA ALA A 20 14.15 9.55 20.00
C ALA A 20 12.69 9.89 20.14
N GLU A 21 12.07 10.47 19.12
CA GLU A 21 10.66 10.85 19.23
C GLU A 21 9.73 9.64 19.36
N GLU A 22 10.04 8.54 18.69
CA GLU A 22 9.19 7.36 18.74
C GLU A 22 9.26 6.72 20.11
N LEU A 23 10.45 6.67 20.69
CA LEU A 23 10.65 6.16 22.03
C LEU A 23 9.95 7.04 23.06
N ALA A 24 10.10 8.35 22.93
CA ALA A 24 9.43 9.27 23.87
C ALA A 24 7.92 9.10 23.81
N ALA A 25 7.38 8.95 22.60
CA ALA A 25 5.93 8.75 22.47
C ALA A 25 5.49 7.48 23.20
N VAL A 26 6.26 6.39 23.06
CA VAL A 26 5.90 5.15 23.77
C VAL A 26 6.01 5.36 25.27
N LYS A 27 7.09 6.00 25.75
CA LYS A 27 7.24 6.23 27.19
C LYS A 27 6.05 6.95 27.79
N THR A 28 5.56 8.00 27.13
CA THR A 28 4.39 8.74 27.60
C THR A 28 3.17 7.84 27.70
N VAL A 29 2.94 6.99 26.67
CA VAL A 29 1.77 6.11 26.76
C VAL A 29 1.94 5.11 27.88
N LEU A 30 3.09 4.46 28.00
CA LEU A 30 3.32 3.51 29.09
C LEU A 30 3.13 4.16 30.45
N ASP A 31 3.67 5.36 30.65
CA ASP A 31 3.56 6.09 31.91
C ASP A 31 2.13 6.52 32.23
N SER A 32 1.30 6.77 31.22
CA SER A 32 -0.07 7.17 31.45
C SER A 32 -0.94 6.02 31.95
N GLY A 33 -0.55 4.78 31.64
CA GLY A 33 -1.35 3.64 32.05
C GLY A 33 -2.48 3.36 31.06
N TRP A 34 -2.64 4.15 30.03
CA TRP A 34 -3.72 3.86 29.04
C TRP A 34 -3.02 3.39 27.75
N ILE A 35 -2.79 2.11 27.66
CA ILE A 35 -2.00 1.55 26.59
C ILE A 35 -2.78 1.05 25.39
N THR A 36 -4.07 0.75 25.53
CA THR A 36 -4.79 0.32 24.30
C THR A 36 -5.62 1.46 23.76
N THR A 37 -6.48 1.19 22.78
CA THR A 37 -7.21 2.19 22.05
C THR A 37 -7.83 3.28 22.92
N GLY A 38 -7.48 4.54 22.66
CA GLY A 38 -8.00 5.66 23.46
C GLY A 38 -7.75 7.00 22.77
N PRO A 39 -7.26 7.98 23.51
CA PRO A 39 -6.96 9.29 22.99
C PRO A 39 -5.91 9.35 21.93
N LYS A 40 -4.88 8.50 21.93
CA LYS A 40 -3.89 8.58 20.85
C LYS A 40 -4.52 8.17 19.52
N ASN A 41 -5.44 7.21 19.54
CA ASN A 41 -6.16 6.77 18.34
C ASN A 41 -6.99 7.93 17.79
N GLN A 42 -7.71 8.59 18.69
CA GLN A 42 -8.56 9.72 18.32
C GLN A 42 -7.70 10.83 17.70
N GLU A 43 -6.52 11.03 18.25
CA GLU A 43 -5.61 12.03 17.73
C GLU A 43 -5.08 11.67 16.36
N LEU A 44 -4.74 10.37 16.18
CA LEU A 44 -4.21 9.94 14.91
C LEU A 44 -5.28 10.06 13.81
N GLU A 45 -6.52 9.74 14.18
CA GLU A 45 -7.64 9.86 13.21
C GLU A 45 -7.83 11.32 12.83
N ALA A 46 -7.79 12.21 13.84
CA ALA A 46 -7.90 13.65 13.56
C ALA A 46 -6.77 14.15 12.71
N ALA A 47 -5.54 13.67 12.94
CA ALA A 47 -4.41 14.07 12.12
C ALA A 47 -4.51 13.58 10.70
N PHE A 48 -5.05 12.36 10.48
CA PHE A 48 -5.16 11.87 9.11
C PHE A 48 -6.20 12.65 8.30
N CYS A 49 -7.26 13.10 8.95
CA CYS A 49 -8.27 13.92 8.31
C CYS A 49 -7.67 15.29 7.93
N ARG A 50 -6.86 15.85 8.84
CA ARG A 50 -6.18 17.11 8.58
C ARG A 50 -5.19 16.95 7.43
N LEU A 51 -4.43 15.85 7.44
CA LEU A 51 -3.45 15.57 6.41
C LEU A 51 -4.08 15.43 5.02
N THR A 52 -5.15 14.66 4.92
CA THR A 52 -5.73 14.37 3.63
C THR A 52 -6.74 15.38 3.13
N GLY A 53 -7.56 15.92 4.02
CA GLY A 53 -8.64 16.82 3.62
C GLY A 53 -9.98 16.07 3.68
N ASN A 54 -9.98 14.79 4.08
CA ASN A 54 -11.21 14.03 4.19
C ASN A 54 -11.89 14.29 5.54
N GLN A 55 -13.12 13.79 5.69
CA GLN A 55 -13.90 14.07 6.89
C GLN A 55 -13.82 13.07 8.01
N TYR A 56 -13.65 11.78 7.75
CA TYR A 56 -13.63 10.76 8.79
C TYR A 56 -12.45 9.80 8.64
N ALA A 57 -11.94 9.27 9.76
CA ALA A 57 -10.83 8.32 9.70
C ALA A 57 -10.96 7.31 10.83
N VAL A 58 -10.71 6.04 10.48
CA VAL A 58 -10.85 4.93 11.42
C VAL A 58 -9.52 4.17 11.50
N ALA A 59 -8.81 4.31 12.62
CA ALA A 59 -7.50 3.62 12.76
C ALA A 59 -7.73 2.14 12.99
N VAL A 60 -6.88 1.28 12.43
CA VAL A 60 -7.09 -0.17 12.58
C VAL A 60 -5.75 -0.86 12.81
N SER A 61 -5.77 -2.18 13.03
CA SER A 61 -4.54 -2.93 13.32
C SER A 61 -3.68 -3.21 12.13
N SER A 62 -4.14 -2.99 10.89
CA SER A 62 -3.35 -3.12 9.70
C SER A 62 -4.17 -2.65 8.49
N ALA A 63 -3.50 -2.41 7.35
CA ALA A 63 -4.29 -2.03 6.16
C ALA A 63 -5.09 -3.23 5.66
N THR A 64 -4.59 -4.46 5.84
CA THR A 64 -5.38 -5.66 5.48
C THR A 64 -6.69 -5.66 6.26
N ALA A 65 -6.64 -5.40 7.58
CA ALA A 65 -7.87 -5.35 8.39
C ALA A 65 -8.82 -4.28 7.87
N GLY A 66 -8.23 -3.13 7.53
CA GLY A 66 -9.00 -2.02 7.00
C GLY A 66 -9.73 -2.45 5.72
N MET A 67 -9.04 -3.16 4.84
CA MET A 67 -9.67 -3.64 3.60
C MET A 67 -10.79 -4.62 3.91
N HIS A 68 -10.54 -5.53 4.86
CA HIS A 68 -11.56 -6.50 5.26
C HIS A 68 -12.83 -5.82 5.74
N ILE A 69 -12.70 -4.90 6.72
CA ILE A 69 -13.91 -4.25 7.21
C ILE A 69 -14.51 -3.30 6.18
N ALA A 70 -13.72 -2.73 5.30
CA ALA A 70 -14.29 -1.84 4.26
C ALA A 70 -15.22 -2.65 3.35
N LEU A 71 -14.72 -3.81 2.89
CA LEU A 71 -15.53 -4.63 1.99
C LEU A 71 -16.73 -5.21 2.72
N MET A 72 -16.50 -5.60 3.97
CA MET A 72 -17.54 -6.14 4.83
C MET A 72 -18.63 -5.10 5.03
N ALA A 73 -18.19 -3.86 5.34
CA ALA A 73 -19.16 -2.78 5.52
C ALA A 73 -19.99 -2.51 4.28
N LEU A 74 -19.45 -2.74 3.08
CA LEU A 74 -20.24 -2.57 1.85
C LEU A 74 -21.26 -3.69 1.66
N GLY A 75 -21.17 -4.75 2.46
CA GLY A 75 -22.05 -5.88 2.37
C GLY A 75 -21.61 -6.89 1.31
N ILE A 76 -20.36 -6.86 0.90
CA ILE A 76 -19.86 -7.78 -0.13
C ILE A 76 -19.82 -9.20 0.38
N GLY A 77 -20.24 -10.15 -0.47
CA GLY A 77 -20.27 -11.56 -0.07
C GLY A 77 -20.52 -12.46 -1.26
N GLU A 78 -21.12 -13.61 -0.98
CA GLU A 78 -21.40 -14.63 -1.98
C GLU A 78 -22.13 -14.07 -3.19
N GLY A 79 -21.62 -14.36 -4.39
CA GLY A 79 -22.23 -13.91 -5.63
C GLY A 79 -21.68 -12.59 -6.15
N ASP A 80 -21.09 -11.78 -5.27
CA ASP A 80 -20.55 -10.49 -5.66
C ASP A 80 -19.18 -10.60 -6.29
N GLU A 81 -18.87 -9.61 -7.15
CA GLU A 81 -17.56 -9.55 -7.79
C GLU A 81 -16.83 -8.27 -7.36
N VAL A 82 -15.52 -8.39 -7.20
CA VAL A 82 -14.70 -7.23 -6.83
C VAL A 82 -13.55 -7.15 -7.83
N ILE A 83 -13.50 -6.02 -8.54
CA ILE A 83 -12.42 -5.79 -9.49
C ILE A 83 -11.16 -5.28 -8.78
N THR A 84 -10.04 -5.92 -9.08
CA THR A 84 -8.75 -5.58 -8.57
C THR A 84 -7.65 -6.08 -9.49
N PRO A 85 -6.53 -5.38 -9.53
CA PRO A 85 -5.38 -5.91 -10.25
C PRO A 85 -4.88 -7.16 -9.51
N SER A 86 -4.14 -7.96 -10.24
CA SER A 86 -3.40 -9.10 -9.68
C SER A 86 -2.06 -8.55 -9.18
N MET A 87 -1.57 -7.49 -9.84
CA MET A 87 -0.32 -6.88 -9.41
C MET A 87 -0.57 -6.01 -8.17
N THR A 88 -0.54 -6.67 -7.01
CA THR A 88 -0.78 -6.04 -5.72
C THR A 88 -0.47 -7.09 -4.65
N TRP A 89 -0.51 -6.68 -3.39
CA TRP A 89 -0.23 -7.69 -2.35
C TRP A 89 -1.45 -8.58 -2.24
N VAL A 90 -1.25 -9.88 -2.00
CA VAL A 90 -2.35 -10.81 -1.95
C VAL A 90 -3.38 -10.57 -0.87
N SER A 91 -3.12 -9.75 0.14
CA SER A 91 -4.10 -9.51 1.19
C SER A 91 -5.41 -9.06 0.61
N THR A 92 -5.40 -8.17 -0.39
CA THR A 92 -6.69 -7.76 -0.99
C THR A 92 -7.45 -8.92 -1.58
N LEU A 93 -6.79 -9.75 -2.38
CA LEU A 93 -7.44 -10.94 -2.94
C LEU A 93 -7.99 -11.83 -1.83
N ASN A 94 -7.19 -12.13 -0.82
CA ASN A 94 -7.59 -12.95 0.31
C ASN A 94 -8.83 -12.43 1.01
N MET A 95 -8.90 -11.08 1.18
CA MET A 95 -10.07 -10.54 1.89
C MET A 95 -11.35 -10.67 1.06
N ILE A 96 -11.24 -10.47 -0.22
CA ILE A 96 -12.36 -10.65 -1.16
C ILE A 96 -12.80 -12.12 -1.07
N VAL A 97 -11.85 -13.04 -1.24
CA VAL A 97 -12.21 -14.47 -1.17
C VAL A 97 -12.82 -14.87 0.15
N LEU A 98 -12.21 -14.49 1.28
CA LEU A 98 -12.67 -14.90 2.60
C LEU A 98 -14.03 -14.37 2.95
N LEU A 99 -14.47 -13.27 2.35
CA LEU A 99 -15.83 -12.76 2.56
C LEU A 99 -16.84 -13.57 1.73
N GLY A 100 -16.35 -14.47 0.91
CA GLY A 100 -17.15 -15.30 0.04
C GLY A 100 -17.38 -14.71 -1.34
N ALA A 101 -16.72 -13.60 -1.66
CA ALA A 101 -16.92 -12.96 -2.95
C ALA A 101 -15.92 -13.46 -3.98
N ASN A 102 -16.12 -13.06 -5.24
CA ASN A 102 -15.26 -13.49 -6.33
C ASN A 102 -14.38 -12.35 -6.84
N PRO A 103 -13.07 -12.48 -6.70
CA PRO A 103 -12.17 -11.47 -7.21
C PRO A 103 -12.09 -11.54 -8.72
N VAL A 104 -12.13 -10.40 -9.40
CA VAL A 104 -12.01 -10.37 -10.86
C VAL A 104 -10.73 -9.58 -11.15
N MET A 105 -9.64 -10.29 -11.36
CA MET A 105 -8.35 -9.68 -11.59
C MET A 105 -8.18 -9.18 -13.03
N VAL A 106 -7.70 -7.93 -13.12
CA VAL A 106 -7.51 -7.24 -14.39
C VAL A 106 -6.07 -6.78 -14.52
N ASP A 107 -5.64 -6.50 -15.76
CA ASP A 107 -4.25 -6.18 -16.01
C ASP A 107 -3.89 -4.76 -15.63
N VAL A 108 -2.61 -4.44 -15.65
CA VAL A 108 -2.13 -3.10 -15.33
C VAL A 108 -1.25 -2.51 -16.44
N ASP A 109 -1.05 -1.20 -16.38
CA ASP A 109 -0.14 -0.55 -17.35
C ASP A 109 1.22 -1.23 -17.26
N ARG A 110 1.81 -1.53 -18.41
CA ARG A 110 3.08 -2.23 -18.49
C ARG A 110 4.25 -1.51 -17.87
N ASP A 111 4.21 -0.18 -17.76
CA ASP A 111 5.36 0.51 -17.20
C ASP A 111 5.08 1.22 -15.88
N THR A 112 3.84 1.46 -15.51
CA THR A 112 3.57 2.08 -14.22
C THR A 112 3.05 1.06 -13.19
N LEU A 113 2.57 -0.07 -13.68
CA LEU A 113 2.01 -1.14 -12.89
C LEU A 113 0.69 -0.77 -12.25
N MET A 114 0.02 0.25 -12.79
CA MET A 114 -1.25 0.68 -12.26
C MET A 114 -2.42 0.26 -13.15
N VAL A 115 -3.50 -0.12 -12.49
CA VAL A 115 -4.69 -0.62 -13.15
C VAL A 115 -5.29 0.47 -14.04
N THR A 116 -5.61 0.12 -15.28
CA THR A 116 -6.15 1.11 -16.19
C THR A 116 -7.66 1.14 -16.15
N PRO A 117 -8.25 2.28 -16.51
CA PRO A 117 -9.68 2.43 -16.60
C PRO A 117 -10.27 1.45 -17.62
N GLU A 118 -9.58 1.25 -18.73
CA GLU A 118 -10.06 0.33 -19.77
C GLU A 118 -10.17 -1.09 -19.21
N HIS A 119 -9.12 -1.54 -18.54
CA HIS A 119 -9.17 -2.92 -17.97
C HIS A 119 -10.26 -3.03 -16.96
N ILE A 120 -10.51 -2.00 -16.14
CA ILE A 120 -11.59 -2.03 -15.18
C ILE A 120 -12.94 -2.07 -15.88
N GLU A 121 -13.14 -1.13 -16.83
CA GLU A 121 -14.46 -1.04 -17.46
C GLU A 121 -14.85 -2.32 -18.16
N ALA A 122 -13.92 -2.97 -18.82
CA ALA A 122 -14.16 -4.21 -19.53
C ALA A 122 -14.58 -5.36 -18.66
N ALA A 123 -14.26 -5.32 -17.35
CA ALA A 123 -14.57 -6.37 -16.42
C ALA A 123 -15.84 -6.14 -15.63
N ILE A 124 -16.45 -4.97 -15.79
CA ILE A 124 -17.65 -4.62 -15.06
C ILE A 124 -18.84 -5.45 -15.52
N THR A 125 -19.58 -5.98 -14.57
CA THR A 125 -20.79 -6.76 -14.80
C THR A 125 -21.81 -6.27 -13.76
N PRO A 126 -23.05 -6.71 -13.81
CA PRO A 126 -24.05 -6.36 -12.83
C PRO A 126 -23.73 -6.87 -11.43
N GLN A 127 -22.79 -7.82 -11.31
CA GLN A 127 -22.40 -8.36 -10.03
C GLN A 127 -21.22 -7.60 -9.40
N THR A 128 -20.59 -6.67 -10.13
CA THR A 128 -19.46 -5.92 -9.57
C THR A 128 -19.92 -5.02 -8.43
N LYS A 129 -19.32 -5.16 -7.24
CA LYS A 129 -19.73 -4.41 -6.07
C LYS A 129 -18.64 -3.48 -5.52
N ALA A 130 -17.45 -3.53 -6.04
CA ALA A 130 -16.36 -2.66 -5.67
C ALA A 130 -15.22 -2.73 -6.68
N ILE A 131 -14.49 -1.65 -6.79
CA ILE A 131 -13.30 -1.50 -7.63
C ILE A 131 -12.18 -1.00 -6.71
N ILE A 132 -11.05 -1.70 -6.71
CA ILE A 132 -9.95 -1.40 -5.82
C ILE A 132 -8.65 -1.10 -6.54
N PRO A 133 -8.41 0.15 -6.91
CA PRO A 133 -7.18 0.55 -7.57
C PRO A 133 -6.05 0.65 -6.56
N VAL A 134 -4.82 0.46 -6.95
CA VAL A 134 -3.66 0.57 -6.08
C VAL A 134 -2.76 1.73 -6.56
N HIS A 135 -2.46 2.64 -5.65
CA HIS A 135 -1.50 3.73 -5.97
C HIS A 135 -0.12 3.11 -5.83
N TYR A 136 0.43 2.66 -6.94
CA TYR A 136 1.60 1.82 -6.92
C TYR A 136 2.93 2.49 -6.72
N ALA A 137 3.69 2.02 -5.76
CA ALA A 137 4.98 2.43 -5.32
C ALA A 137 5.13 3.85 -4.81
N GLY A 138 4.07 4.62 -4.68
CA GLY A 138 4.21 6.01 -4.25
C GLY A 138 3.52 6.94 -5.25
N ALA A 139 3.25 6.45 -6.46
CA ALA A 139 2.53 7.27 -7.45
C ALA A 139 1.05 6.99 -7.40
N PRO A 140 0.21 7.89 -7.90
CA PRO A 140 -1.19 7.75 -7.93
C PRO A 140 -1.78 7.14 -9.20
N ALA A 141 -2.88 6.42 -9.02
CA ALA A 141 -3.65 5.85 -10.12
C ALA A 141 -4.50 6.94 -10.75
N ASP A 142 -5.08 6.68 -11.92
CA ASP A 142 -5.87 7.70 -12.62
C ASP A 142 -7.24 7.86 -12.01
N LEU A 143 -7.31 8.54 -10.86
CA LEU A 143 -8.54 8.69 -10.11
C LEU A 143 -9.69 9.31 -10.85
N ASP A 144 -9.45 10.37 -11.62
CA ASP A 144 -10.55 11.00 -12.36
C ASP A 144 -11.30 9.97 -13.21
N ALA A 145 -10.56 9.22 -14.03
CA ALA A 145 -11.20 8.19 -14.86
C ALA A 145 -11.84 7.08 -14.03
N ILE A 146 -11.17 6.66 -12.95
CA ILE A 146 -11.73 5.59 -12.10
C ILE A 146 -12.98 5.97 -11.39
N TYR A 147 -13.03 7.15 -10.75
CA TYR A 147 -14.23 7.61 -10.08
C TYR A 147 -15.39 7.77 -11.09
N ALA A 148 -15.06 8.27 -12.27
CA ALA A 148 -16.07 8.42 -13.35
C ALA A 148 -16.73 7.08 -13.61
N LEU A 149 -15.90 6.03 -13.76
CA LEU A 149 -16.46 4.66 -13.93
C LEU A 149 -17.35 4.32 -12.73
N GLY A 150 -16.82 4.61 -11.52
CA GLY A 150 -17.56 4.33 -10.30
C GLY A 150 -18.93 4.99 -10.30
N GLU A 151 -18.96 6.27 -10.68
CA GLU A 151 -20.21 7.02 -10.72
C GLU A 151 -21.11 6.58 -11.87
N ARG A 152 -20.55 6.36 -13.04
CA ARG A 152 -21.39 5.90 -14.18
C ARG A 152 -22.15 4.64 -13.82
N TYR A 153 -21.41 3.63 -13.33
CA TYR A 153 -21.97 2.34 -13.00
C TYR A 153 -22.50 2.15 -11.61
N GLY A 154 -22.34 3.09 -10.68
CA GLY A 154 -22.87 2.91 -9.34
C GLY A 154 -22.08 1.83 -8.59
N ILE A 155 -20.76 1.90 -8.69
CA ILE A 155 -19.88 0.93 -8.00
C ILE A 155 -18.91 1.65 -7.10
N PRO A 156 -18.89 1.31 -5.80
CA PRO A 156 -17.96 1.91 -4.86
C PRO A 156 -16.51 1.70 -5.23
N VAL A 157 -15.70 2.74 -5.00
CA VAL A 157 -14.28 2.69 -5.28
C VAL A 157 -13.53 2.73 -3.92
N ILE A 158 -12.74 1.72 -3.65
CA ILE A 158 -11.98 1.65 -2.39
C ILE A 158 -10.51 1.69 -2.76
N GLU A 159 -9.81 2.78 -2.41
CA GLU A 159 -8.44 2.92 -2.84
C GLU A 159 -7.46 2.22 -1.90
N ASP A 160 -6.58 1.40 -2.48
CA ASP A 160 -5.50 0.79 -1.70
C ASP A 160 -4.36 1.85 -1.72
N ALA A 161 -4.13 2.50 -0.59
CA ALA A 161 -3.11 3.55 -0.55
C ALA A 161 -1.97 3.17 0.39
N ALA A 162 -1.68 1.86 0.49
CA ALA A 162 -0.65 1.38 1.36
C ALA A 162 0.72 1.96 0.98
N HIS A 163 0.95 2.31 -0.28
CA HIS A 163 2.20 2.89 -0.71
C HIS A 163 2.16 4.42 -0.82
N ALA A 164 1.03 5.01 -0.53
CA ALA A 164 0.76 6.38 -0.83
C ALA A 164 0.64 7.38 0.29
N THR A 165 1.18 7.14 1.48
CA THR A 165 1.10 8.21 2.50
C THR A 165 2.01 9.34 1.99
N GLY A 166 1.44 10.49 1.69
CA GLY A 166 2.27 11.57 1.15
C GLY A 166 2.12 11.71 -0.37
N THR A 167 1.33 10.86 -1.01
CA THR A 167 1.13 10.94 -2.46
C THR A 167 0.07 11.94 -2.83
N SER A 168 0.29 12.68 -3.95
CA SER A 168 -0.73 13.61 -4.41
C SER A 168 -1.12 13.37 -5.87
N TYR A 169 -2.38 13.61 -6.19
CA TYR A 169 -2.93 13.42 -7.51
C TYR A 169 -3.56 14.75 -7.99
N LYS A 170 -3.04 15.29 -9.07
CA LYS A 170 -3.60 16.54 -9.63
C LYS A 170 -3.94 17.56 -8.55
N GLY A 171 -2.97 17.92 -7.73
CA GLY A 171 -3.11 18.91 -6.69
C GLY A 171 -3.84 18.53 -5.44
N ARG A 172 -4.24 17.26 -5.27
CA ARG A 172 -4.96 16.91 -4.03
C ARG A 172 -4.38 15.61 -3.46
N HIS A 173 -4.29 15.56 -2.14
CA HIS A 173 -3.74 14.38 -1.49
C HIS A 173 -4.60 13.14 -1.79
N ILE A 174 -3.92 12.02 -1.86
CA ILE A 174 -4.68 10.74 -1.91
C ILE A 174 -5.44 10.66 -0.60
N GLY A 175 -6.70 10.27 -0.61
CA GLY A 175 -7.52 10.22 0.58
C GLY A 175 -8.38 11.44 0.83
N ALA A 176 -8.16 12.54 0.09
CA ALA A 176 -8.94 13.76 0.27
C ALA A 176 -10.43 13.54 0.10
N ARG A 177 -10.80 12.75 -0.88
CA ARG A 177 -12.19 12.40 -1.14
C ARG A 177 -12.27 10.86 -1.36
N GLY A 178 -13.48 10.35 -1.36
CA GLY A 178 -13.72 8.94 -1.55
C GLY A 178 -13.26 8.17 -0.30
N THR A 179 -12.75 6.97 -0.51
CA THR A 179 -12.30 6.13 0.60
C THR A 179 -10.93 5.58 0.24
N ALA A 180 -9.97 5.74 1.12
CA ALA A 180 -8.61 5.26 0.90
C ALA A 180 -8.06 4.58 2.15
N ILE A 181 -7.27 3.52 1.93
CA ILE A 181 -6.73 2.79 3.08
C ILE A 181 -5.22 2.86 3.12
N PHE A 182 -4.68 3.40 4.19
CA PHE A 182 -3.24 3.56 4.39
C PHE A 182 -2.64 2.51 5.33
N SER A 183 -1.34 2.26 5.20
CA SER A 183 -0.65 1.28 5.99
C SER A 183 0.51 1.83 6.81
N PHE A 184 0.63 1.31 8.04
CA PHE A 184 1.72 1.68 8.92
C PHE A 184 2.65 0.48 9.14
N HIS A 185 2.66 -0.46 8.19
CA HIS A 185 3.59 -1.60 8.31
C HIS A 185 5.03 -1.09 8.31
N ALA A 186 5.92 -1.84 8.93
CA ALA A 186 7.32 -1.57 9.09
C ALA A 186 8.05 -1.02 7.87
N ILE A 187 7.80 -1.47 6.65
CA ILE A 187 8.53 -0.95 5.49
C ILE A 187 7.78 0.19 4.79
N1 LLP A 188 -1.55 -3.49 -0.24
C2 LLP A 188 -0.32 -3.19 -0.69
C2' LLP A 188 -0.15 -2.80 -2.14
C3 LLP A 188 0.77 -3.22 0.20
O3 LLP A 188 2.04 -2.95 -0.22
C4 LLP A 188 0.58 -3.59 1.57
C4' LLP A 188 1.84 -3.56 2.47
C5 LLP A 188 -0.70 -3.91 1.99
C6 LLP A 188 -1.77 -3.85 1.03
C5' LLP A 188 -1.13 -4.37 3.36
OP4 LLP A 188 -0.65 -3.62 4.40
P LLP A 188 -0.68 -4.08 5.95
OP1 LLP A 188 -0.71 -2.84 6.78
OP2 LLP A 188 0.79 -4.82 6.11
OP3 LLP A 188 -1.86 -5.04 6.24
N LLP A 188 6.66 0.65 5.36
CA LLP A 188 5.89 1.69 4.69
CB LLP A 188 4.40 1.55 4.93
CG LLP A 188 3.81 0.17 4.75
CD LLP A 188 3.67 -0.36 3.34
CE LLP A 188 3.45 -1.88 3.37
NZ LLP A 188 2.65 -2.44 2.28
C LLP A 188 6.45 3.06 5.05
O LLP A 188 7.26 3.18 5.98
N ASN A 189 6.07 4.11 4.34
CA ASN A 189 6.59 5.45 4.52
C ASN A 189 6.53 5.92 5.96
N ILE A 190 5.46 5.64 6.70
CA ILE A 190 5.47 5.92 8.15
C ILE A 190 5.10 4.58 8.82
N THR A 191 5.53 4.34 10.05
CA THR A 191 5.23 3.04 10.66
C THR A 191 5.05 3.08 12.17
N CYS A 192 4.25 2.10 12.64
CA CYS A 192 4.14 1.80 14.06
C CYS A 192 4.23 0.24 14.19
N ALA A 193 5.04 -0.33 13.35
CA ALA A 193 5.35 -1.75 13.18
C ALA A 193 4.23 -2.44 12.40
N GLU A 194 3.00 -2.33 12.88
CA GLU A 194 1.82 -2.80 12.18
C GLU A 194 0.67 -1.81 12.52
N GLY A 195 -0.12 -1.49 11.52
CA GLY A 195 -1.27 -0.60 11.74
C GLY A 195 -1.73 -0.08 10.38
N GLY A 196 -2.87 0.60 10.40
CA GLY A 196 -3.38 1.22 9.18
C GLY A 196 -4.52 2.15 9.56
N ILE A 197 -5.10 2.77 8.52
CA ILE A 197 -6.22 3.68 8.78
C ILE A 197 -7.08 3.79 7.55
N VAL A 198 -8.38 3.83 7.74
CA VAL A 198 -9.33 3.98 6.64
C VAL A 198 -9.87 5.43 6.70
N VAL A 199 -9.60 6.18 5.65
CA VAL A 199 -10.11 7.56 5.59
C VAL A 199 -11.31 7.56 4.62
N THR A 200 -12.42 8.16 4.99
CA THR A 200 -13.61 8.19 4.12
C THR A 200 -14.40 9.48 4.29
N ASP A 201 -15.26 9.74 3.30
CA ASP A 201 -16.07 10.96 3.28
C ASP A 201 -17.51 10.63 3.64
N ASN A 202 -17.75 9.35 3.94
CA ASN A 202 -19.09 8.89 4.26
C ASN A 202 -19.23 8.53 5.75
N PRO A 203 -20.09 9.24 6.46
CA PRO A 203 -20.28 9.06 7.87
C PRO A 203 -20.97 7.77 8.26
N GLN A 204 -21.97 7.32 7.48
CA GLN A 204 -22.61 6.05 7.87
C GLN A 204 -21.59 4.90 7.69
N PHE A 205 -20.79 5.03 6.63
CA PHE A 205 -19.78 3.98 6.37
C PHE A 205 -18.73 4.01 7.47
N ALA A 206 -18.25 5.20 7.83
CA ALA A 206 -17.28 5.30 8.91
C ALA A 206 -17.84 4.69 10.19
N ASP A 207 -19.09 4.97 10.53
CA ASP A 207 -19.69 4.37 11.72
C ASP A 207 -19.67 2.83 11.65
N LYS A 208 -19.94 2.26 10.50
CA LYS A 208 -19.91 0.80 10.36
C LYS A 208 -18.46 0.28 10.59
N LEU A 209 -17.48 0.97 10.01
CA LEU A 209 -16.08 0.61 10.20
C LEU A 209 -15.69 0.60 11.67
N ARG A 210 -16.11 1.61 12.43
CA ARG A 210 -15.74 1.69 13.83
C ARG A 210 -16.29 0.52 14.64
N SER A 211 -17.52 0.13 14.31
CA SER A 211 -18.15 -0.99 14.98
C SER A 211 -17.54 -2.32 14.54
N LEU A 212 -17.24 -2.48 13.24
CA LEU A 212 -16.73 -3.78 12.76
C LEU A 212 -15.31 -4.06 13.25
N LYS A 213 -14.53 -3.03 13.58
CA LYS A 213 -13.17 -3.25 14.07
C LYS A 213 -13.14 -3.45 15.56
N PHE A 214 -14.29 -3.29 16.23
CA PHE A 214 -14.38 -3.52 17.66
C PHE A 214 -15.58 -4.35 18.07
N HIS A 215 -15.60 -5.59 17.66
CA HIS A 215 -16.55 -6.62 18.02
C HIS A 215 -17.98 -6.38 17.56
N GLY A 216 -18.21 -5.39 16.69
CA GLY A 216 -19.57 -5.12 16.24
C GLY A 216 -20.37 -4.42 17.33
N LEU A 217 -19.67 -3.84 18.31
CA LEU A 217 -20.34 -3.15 19.39
C LEU A 217 -20.83 -1.79 18.89
N GLY A 218 -21.90 -1.31 19.52
CA GLY A 218 -22.47 0.00 19.13
C GLY A 218 -21.70 1.10 19.86
N ARG A 229 -14.49 -0.29 27.30
CA ARG A 229 -15.86 -0.56 26.89
C ARG A 229 -16.83 -0.50 28.07
N ALA A 230 -18.01 0.08 27.82
CA ALA A 230 -19.03 0.17 28.87
C ALA A 230 -19.45 -1.23 29.28
N PRO A 231 -19.95 -1.40 30.50
CA PRO A 231 -20.37 -2.69 30.99
C PRO A 231 -21.54 -3.29 30.25
N GLN A 232 -22.50 -2.48 29.82
CA GLN A 232 -23.67 -3.06 29.15
C GLN A 232 -23.74 -2.75 27.67
N ALA A 233 -22.54 -2.62 27.10
CA ALA A 233 -22.32 -2.45 25.66
C ALA A 233 -22.78 -3.73 24.97
N GLU A 234 -23.27 -3.64 23.73
CA GLU A 234 -23.75 -4.88 23.11
C GLU A 234 -23.55 -4.95 21.61
N VAL A 235 -23.37 -6.21 21.17
CA VAL A 235 -23.16 -6.51 19.77
C VAL A 235 -24.43 -6.14 18.99
N LEU A 236 -24.27 -5.27 18.03
CA LEU A 236 -25.37 -4.83 17.15
C LEU A 236 -25.38 -5.80 15.96
N ALA A 237 -24.17 -6.12 15.51
CA ALA A 237 -23.95 -7.10 14.43
C ALA A 237 -22.50 -7.58 14.63
N PRO A 238 -22.24 -8.86 14.59
CA PRO A 238 -20.93 -9.40 14.85
C PRO A 238 -19.81 -8.73 14.09
N GLY A 239 -18.73 -8.44 14.84
CA GLY A 239 -17.57 -7.81 14.13
C GLY A 239 -16.30 -8.47 14.65
N TYR A 240 -15.17 -8.05 14.12
CA TYR A 240 -13.87 -8.60 14.46
C TYR A 240 -13.15 -7.74 15.47
N LYS A 241 -11.91 -8.20 15.79
CA LYS A 241 -11.13 -7.37 16.72
C LYS A 241 -9.92 -6.84 15.96
N TYR A 242 -10.02 -5.56 15.59
CA TYR A 242 -8.94 -4.98 14.76
C TYR A 242 -8.58 -3.57 15.25
N ASN A 243 -8.71 -3.34 16.56
CA ASN A 243 -8.39 -2.00 17.07
C ASN A 243 -6.88 -1.85 17.21
N LEU A 244 -6.40 -0.64 17.03
CA LEU A 244 -4.99 -0.29 17.13
C LEU A 244 -4.71 0.27 18.52
N PRO A 245 -3.74 -0.28 19.20
CA PRO A 245 -3.41 0.16 20.56
C PRO A 245 -2.93 1.60 20.56
N ASP A 246 -3.10 2.34 21.66
CA ASP A 246 -2.58 3.72 21.70
C ASP A 246 -1.06 3.71 21.68
N LEU A 247 -0.49 2.63 22.22
CA LEU A 247 0.98 2.45 22.20
C LEU A 247 1.50 2.59 20.78
N ASN A 248 0.92 1.82 19.86
CA ASN A 248 1.37 1.90 18.44
C ASN A 248 0.88 3.18 17.79
N ALA A 249 -0.32 3.64 18.16
CA ALA A 249 -0.84 4.87 17.55
C ALA A 249 0.09 6.05 17.86
N ALA A 250 0.64 6.08 19.07
CA ALA A 250 1.55 7.19 19.42
C ALA A 250 2.79 7.18 18.54
N ILE A 251 3.30 6.01 18.17
CA ILE A 251 4.47 5.93 17.30
C ILE A 251 4.12 6.44 15.91
N ALA A 252 2.94 6.03 15.42
CA ALA A 252 2.50 6.51 14.11
C ALA A 252 2.39 8.05 14.10
N LEU A 253 1.84 8.58 15.17
CA LEU A 253 1.71 10.07 15.29
C LEU A 253 3.09 10.71 15.24
N ALA A 254 4.11 10.15 15.90
CA ALA A 254 5.45 10.69 15.86
C ALA A 254 6.04 10.65 14.47
N GLN A 255 5.80 9.56 13.73
CA GLN A 255 6.27 9.41 12.36
C GLN A 255 5.53 10.35 11.40
N LEU A 256 4.22 10.52 11.64
CA LEU A 256 3.41 11.39 10.80
C LEU A 256 3.93 12.84 10.89
N GLN A 257 4.38 13.22 12.09
CA GLN A 257 4.97 14.56 12.23
C GLN A 257 6.21 14.74 11.37
N LYS A 258 6.95 13.68 11.06
CA LYS A 258 8.13 13.72 10.25
C LYS A 258 7.89 13.46 8.76
N LEU A 259 6.66 13.29 8.32
CA LEU A 259 6.37 12.87 6.95
C LEU A 259 7.10 13.59 5.85
N ASP A 260 7.04 14.92 5.81
CA ASP A 260 7.74 15.63 4.71
C ASP A 260 9.20 15.41 4.68
N ALA A 261 9.89 15.48 5.83
CA ALA A 261 11.33 15.22 5.81
C ALA A 261 11.63 13.81 5.34
N LEU A 262 10.85 12.83 5.82
CA LEU A 262 11.11 11.44 5.45
C LEU A 262 10.87 11.20 3.97
N ASN A 263 9.78 11.74 3.45
CA ASN A 263 9.50 11.56 2.02
C ASN A 263 10.53 12.34 1.20
N ALA A 264 10.97 13.48 1.72
CA ALA A 264 12.01 14.24 1.00
C ALA A 264 13.26 13.41 0.84
N ARG A 265 13.71 12.69 1.89
CA ARG A 265 14.89 11.84 1.75
C ARG A 265 14.69 10.73 0.72
N ARG A 266 13.52 10.07 0.73
CA ARG A 266 13.26 9.02 -0.27
C ARG A 266 13.28 9.61 -1.69
N ALA A 267 12.68 10.78 -1.88
CA ALA A 267 12.67 11.44 -3.19
C ALA A 267 14.08 11.73 -3.70
N ALA A 268 14.96 12.21 -2.85
CA ALA A 268 16.35 12.50 -3.23
C ALA A 268 17.07 11.25 -3.67
N ILE A 269 16.90 10.16 -2.91
CA ILE A 269 17.54 8.90 -3.26
C ILE A 269 16.98 8.31 -4.54
N ALA A 270 15.70 8.57 -4.83
CA ALA A 270 15.10 8.14 -6.08
C ALA A 270 15.79 8.87 -7.25
N ALA A 271 16.09 10.15 -7.06
CA ALA A 271 16.76 10.95 -8.06
C ALA A 271 18.13 10.39 -8.42
N GLN A 272 18.92 10.06 -7.40
CA GLN A 272 20.24 9.47 -7.68
C GLN A 272 20.09 8.16 -8.44
N TYR A 273 19.14 7.32 -8.00
CA TYR A 273 18.87 6.07 -8.69
C TYR A 273 18.58 6.36 -10.17
N HIS A 274 17.70 7.32 -10.41
CA HIS A 274 17.35 7.71 -11.77
C HIS A 274 18.63 8.01 -12.56
N GLN A 275 19.45 8.92 -12.05
CA GLN A 275 20.71 9.28 -12.69
C GLN A 275 21.57 8.05 -12.90
N ALA A 276 21.75 7.24 -11.85
CA ALA A 276 22.56 6.04 -11.95
C ALA A 276 22.04 5.07 -12.99
N MET A 277 20.72 4.97 -13.18
CA MET A 277 20.15 4.03 -14.12
C MET A 277 20.44 4.39 -15.56
N ALA A 278 20.73 5.65 -15.84
CA ALA A 278 21.07 6.09 -17.19
C ALA A 278 22.20 5.24 -17.77
N ASP A 279 23.20 4.94 -16.95
CA ASP A 279 24.33 4.12 -17.34
C ASP A 279 24.16 2.65 -17.01
N LEU A 280 22.92 2.19 -16.86
CA LEU A 280 22.63 0.80 -16.55
C LEU A 280 21.49 0.28 -17.41
N PRO A 281 21.47 -1.03 -17.64
CA PRO A 281 20.49 -1.67 -18.47
C PRO A 281 19.15 -1.94 -17.81
N PHE A 282 19.08 -1.83 -16.48
CA PHE A 282 17.81 -2.07 -15.77
C PHE A 282 16.82 -0.96 -16.02
N GLN A 283 15.53 -1.29 -16.13
CA GLN A 283 14.51 -0.31 -16.43
C GLN A 283 13.55 0.00 -15.29
N PRO A 284 13.69 1.19 -14.70
CA PRO A 284 12.79 1.65 -13.65
C PRO A 284 11.39 1.78 -14.22
N LEU A 285 10.39 1.95 -13.36
CA LEU A 285 9.02 2.13 -13.80
C LEU A 285 8.89 3.51 -14.47
N SER A 286 7.83 3.72 -15.24
CA SER A 286 7.58 5.05 -15.80
C SER A 286 6.70 5.81 -14.81
N LEU A 287 6.81 7.11 -14.81
CA LEU A 287 5.95 7.95 -13.97
C LEU A 287 4.63 8.10 -14.72
N PRO A 288 3.53 8.18 -14.00
CA PRO A 288 2.22 8.36 -14.63
C PRO A 288 2.25 9.65 -15.43
N SER A 289 1.35 9.80 -16.39
CA SER A 289 1.36 11.02 -17.20
C SER A 289 0.72 12.19 -16.50
N TRP A 290 -0.28 11.99 -15.67
CA TRP A 290 -0.96 13.03 -14.92
C TRP A 290 -0.10 13.71 -13.87
N GLU A 291 -0.55 14.90 -13.44
CA GLU A 291 0.17 15.66 -12.42
C GLU A 291 0.10 14.90 -11.09
N HIS A 292 1.20 14.81 -10.37
CA HIS A 292 1.19 14.11 -9.10
C HIS A 292 2.41 14.42 -8.24
N ILE A 293 2.35 13.98 -6.98
CA ILE A 293 3.53 14.05 -6.11
C ILE A 293 3.80 12.60 -5.65
N HIS A 294 4.98 12.08 -5.92
CA HIS A 294 5.36 10.70 -5.65
C HIS A 294 5.90 10.56 -4.23
N ALA A 295 5.37 9.58 -3.47
CA ALA A 295 5.83 9.37 -2.10
C ALA A 295 7.12 8.55 -2.05
N TRP A 296 7.47 7.95 -3.17
CA TRP A 296 8.64 7.12 -3.31
C TRP A 296 8.76 6.06 -2.24
N HIS A 297 7.70 5.24 -2.16
CA HIS A 297 7.71 4.11 -1.22
C HIS A 297 8.71 3.07 -1.66
N LEU A 298 8.80 2.82 -2.97
CA LEU A 298 9.71 1.87 -3.54
C LEU A 298 10.39 2.40 -4.83
N PHE A 299 11.60 1.93 -5.06
CA PHE A 299 12.27 2.22 -6.34
C PHE A 299 12.42 0.85 -7.05
N ILE A 300 11.48 0.54 -7.91
CA ILE A 300 11.43 -0.75 -8.61
C ILE A 300 12.14 -0.69 -9.96
N ILE A 301 12.86 -1.76 -10.29
CA ILE A 301 13.48 -1.92 -11.59
C ILE A 301 13.05 -3.26 -12.21
N ARG A 302 13.03 -3.28 -13.53
CA ARG A 302 12.77 -4.49 -14.29
C ARG A 302 14.12 -5.05 -14.78
N VAL A 303 14.30 -6.35 -14.63
CA VAL A 303 15.50 -7.04 -15.03
C VAL A 303 15.17 -8.09 -16.09
N ASP A 304 15.19 -7.66 -17.35
CA ASP A 304 14.92 -8.55 -18.47
C ASP A 304 16.22 -9.22 -18.92
N GLU A 305 16.31 -10.53 -18.78
CA GLU A 305 17.49 -11.30 -19.09
C GLU A 305 18.10 -10.98 -20.45
N ALA A 306 17.31 -10.85 -21.49
CA ALA A 306 17.82 -10.55 -22.83
C ALA A 306 18.38 -9.14 -22.96
N ARG A 307 17.99 -8.23 -22.10
CA ARG A 307 18.47 -6.85 -22.15
C ARG A 307 19.63 -6.62 -21.20
N CYS A 308 19.57 -7.21 -20.02
CA CYS A 308 20.55 -7.06 -18.98
C CYS A 308 21.61 -8.15 -18.97
N GLY A 309 21.27 -9.34 -19.46
CA GLY A 309 22.19 -10.46 -19.45
C GLY A 309 22.06 -11.31 -18.20
N ILE A 310 21.26 -10.86 -17.24
CA ILE A 310 21.03 -11.58 -15.99
C ILE A 310 19.52 -11.62 -15.72
N THR A 311 19.05 -12.65 -15.04
CA THR A 311 17.63 -12.73 -14.70
C THR A 311 17.35 -11.93 -13.42
N ARG A 312 16.07 -11.74 -13.13
CA ARG A 312 15.67 -11.04 -11.91
C ARG A 312 16.10 -11.81 -10.68
N ASP A 313 15.81 -13.10 -10.64
CA ASP A 313 16.19 -13.93 -9.50
C ASP A 313 17.70 -13.97 -9.33
N ALA A 314 18.43 -14.14 -10.44
CA ALA A 314 19.90 -14.15 -10.35
C ALA A 314 20.42 -12.83 -9.83
N LEU A 315 19.82 -11.71 -10.27
CA LEU A 315 20.28 -10.41 -9.78
C LEU A 315 20.04 -10.28 -8.28
N MET A 316 18.84 -10.67 -7.81
CA MET A 316 18.55 -10.58 -6.38
C MET A 316 19.52 -11.43 -5.57
N ALA A 317 19.82 -12.65 -6.01
CA ALA A 317 20.75 -13.51 -5.28
C ALA A 317 22.17 -12.98 -5.35
N SER A 318 22.56 -12.36 -6.45
CA SER A 318 23.92 -11.82 -6.58
C SER A 318 24.12 -10.70 -5.57
N LEU A 319 23.17 -9.77 -5.54
CA LEU A 319 23.16 -8.66 -4.59
C LEU A 319 23.25 -9.15 -3.15
N LYS A 320 22.53 -10.20 -2.81
CA LYS A 320 22.52 -10.76 -1.48
C LYS A 320 23.88 -11.30 -1.06
N THR A 321 24.61 -11.84 -2.03
CA THR A 321 25.97 -12.34 -1.84
C THR A 321 26.88 -11.16 -1.48
N LYS A 322 26.59 -10.00 -2.08
CA LYS A 322 27.28 -8.76 -1.82
C LYS A 322 26.79 -8.05 -0.57
N GLY A 323 25.82 -8.64 0.13
CA GLY A 323 25.27 -8.08 1.35
C GLY A 323 24.24 -7.00 1.06
N ILE A 324 23.61 -7.05 -0.10
CA ILE A 324 22.60 -6.03 -0.45
C ILE A 324 21.24 -6.70 -0.59
N GLY A 325 20.27 -6.23 0.21
CA GLY A 325 18.94 -6.85 0.20
C GLY A 325 18.04 -6.19 -0.83
N THR A 326 17.10 -6.95 -1.39
CA THR A 326 16.15 -6.43 -2.35
C THR A 326 14.76 -7.01 -2.03
N GLY A 327 13.70 -6.34 -2.48
CA GLY A 327 12.35 -6.87 -2.24
C GLY A 327 11.69 -7.23 -3.55
N LEU A 328 10.59 -7.97 -3.48
CA LEU A 328 9.83 -8.32 -4.67
C LEU A 328 8.37 -7.91 -4.45
N HIS A 329 8.01 -6.77 -5.00
CA HIS A 329 6.70 -6.17 -4.93
C HIS A 329 6.13 -5.99 -6.33
N PHE A 330 5.33 -6.95 -6.77
CA PHE A 330 5.03 -8.16 -6.05
C PHE A 330 4.97 -9.35 -7.05
N ARG A 331 5.02 -10.52 -6.48
CA ARG A 331 4.77 -11.73 -7.29
C ARG A 331 3.25 -11.73 -7.50
N ALA A 332 2.80 -11.48 -8.71
CA ALA A 332 1.36 -11.34 -8.96
C ALA A 332 0.51 -12.35 -8.24
N ALA A 333 -0.62 -11.87 -7.68
CA ALA A 333 -1.53 -12.71 -6.95
C ALA A 333 -1.94 -13.96 -7.76
N HIS A 334 -2.29 -13.77 -9.02
CA HIS A 334 -2.78 -14.86 -9.85
C HIS A 334 -1.77 -15.93 -10.18
N THR A 335 -0.49 -15.73 -9.88
CA THR A 335 0.54 -16.71 -10.09
C THR A 335 0.85 -17.48 -8.80
N GLN A 336 0.15 -17.20 -7.72
CA GLN A 336 0.37 -17.92 -6.46
C GLN A 336 -0.55 -19.11 -6.34
N LYS A 337 -0.07 -20.19 -5.71
CA LYS A 337 -0.74 -21.46 -5.63
C LYS A 337 -2.24 -21.44 -5.61
N TYR A 338 -2.88 -20.97 -4.54
CA TYR A 338 -4.33 -20.97 -4.46
C TYR A 338 -4.98 -20.33 -5.67
N TYR A 339 -4.48 -19.16 -6.10
CA TYR A 339 -5.09 -18.47 -7.24
C TYR A 339 -4.81 -19.13 -8.55
N ARG A 340 -3.67 -19.78 -8.73
CA ARG A 340 -3.39 -20.51 -9.97
C ARG A 340 -4.42 -21.64 -10.15
N GLU A 341 -4.69 -22.35 -9.07
CA GLU A 341 -5.62 -23.47 -9.12
C GLU A 341 -7.05 -23.04 -9.24
N ARG A 342 -7.39 -21.87 -8.69
CA ARG A 342 -8.76 -21.38 -8.78
C ARG A 342 -9.05 -20.72 -10.12
N PHE A 343 -8.07 -20.07 -10.72
CA PHE A 343 -8.21 -19.37 -11.99
C PHE A 343 -7.15 -19.83 -13.00
N PRO A 344 -7.22 -21.11 -13.43
CA PRO A 344 -6.21 -21.66 -14.30
C PRO A 344 -6.10 -21.02 -15.65
N THR A 345 -7.19 -20.52 -16.22
CA THR A 345 -7.14 -19.93 -17.55
C THR A 345 -6.90 -18.43 -17.53
N LEU A 346 -6.78 -17.84 -16.35
CA LEU A 346 -6.56 -16.39 -16.27
C LEU A 346 -5.22 -15.99 -16.83
N THR A 347 -5.19 -15.10 -17.85
CA THR A 347 -3.92 -14.63 -18.37
C THR A 347 -3.88 -13.09 -18.34
N LEU A 348 -2.82 -12.51 -17.84
CA LEU A 348 -2.67 -11.04 -17.73
C LEU A 348 -1.24 -10.68 -18.11
N PRO A 349 -0.97 -10.58 -19.42
CA PRO A 349 0.34 -10.40 -19.96
C PRO A 349 1.23 -9.34 -19.36
N ASP A 350 0.76 -8.11 -19.27
CA ASP A 350 1.59 -7.01 -18.75
C ASP A 350 1.95 -7.26 -17.29
N THR A 351 0.98 -7.79 -16.53
CA THR A 351 1.21 -8.17 -15.14
C THR A 351 2.25 -9.27 -15.03
N GLU A 352 2.09 -10.33 -15.86
CA GLU A 352 3.03 -11.45 -15.79
C GLU A 352 4.41 -11.07 -16.25
N TRP A 353 4.49 -10.23 -17.28
CA TRP A 353 5.79 -9.79 -17.80
C TRP A 353 6.59 -9.11 -16.71
N ASN A 354 5.94 -8.17 -16.01
CA ASN A 354 6.55 -7.44 -14.92
C ASN A 354 6.81 -8.31 -13.69
N SER A 355 5.87 -9.19 -13.38
CA SER A 355 5.99 -10.08 -12.24
C SER A 355 7.25 -10.93 -12.29
N GLU A 356 7.67 -11.34 -13.48
CA GLU A 356 8.87 -12.14 -13.66
C GLU A 356 10.14 -11.30 -13.64
N ARG A 357 10.02 -9.99 -13.80
CA ARG A 357 11.16 -9.11 -13.88
C ARG A 357 11.34 -8.02 -12.85
N ILE A 358 10.39 -7.73 -11.97
CA ILE A 358 10.60 -6.61 -11.05
C ILE A 358 11.32 -6.98 -9.77
N CYS A 359 11.96 -5.99 -9.17
CA CYS A 359 12.58 -6.12 -7.86
C CYS A 359 12.73 -4.71 -7.28
N SER A 360 12.72 -4.61 -5.98
CA SER A 360 12.78 -3.31 -5.29
C SER A 360 14.18 -3.11 -4.69
N LEU A 361 14.82 -2.01 -5.07
CA LEU A 361 16.16 -1.73 -4.58
C LEU A 361 16.10 -0.98 -3.25
N PRO A 362 17.17 -1.01 -2.49
CA PRO A 362 17.23 -0.32 -1.21
C PRO A 362 16.78 1.11 -1.33
N LEU A 363 15.82 1.50 -0.49
CA LEU A 363 15.28 2.83 -0.44
C LEU A 363 14.56 3.09 0.89
N PHE A 364 15.19 3.88 1.75
CA PHE A 364 14.64 4.24 3.07
C PHE A 364 15.27 5.56 3.53
N PRO A 365 14.59 6.31 4.37
CA PRO A 365 15.03 7.60 4.84
C PRO A 365 16.40 7.69 5.44
N ASP A 366 16.87 6.69 6.18
CA ASP A 366 18.19 6.72 6.79
C ASP A 366 19.28 6.17 5.88
N MET A 367 18.97 5.83 4.64
CA MET A 367 19.98 5.31 3.72
C MET A 367 21.07 6.35 3.42
N THR A 368 22.33 5.95 3.52
CA THR A 368 23.45 6.88 3.29
C THR A 368 24.09 6.72 1.92
N GLU A 369 25.10 7.59 1.61
CA GLU A 369 25.76 7.42 0.31
C GLU A 369 26.65 6.19 0.33
N SER A 370 27.28 5.90 1.48
CA SER A 370 28.04 4.64 1.53
C SER A 370 27.11 3.52 1.04
N ASP A 371 25.89 3.47 1.59
CA ASP A 371 24.87 2.54 1.20
C ASP A 371 24.53 2.63 -0.29
N PHE A 372 24.05 3.79 -0.69
CA PHE A 372 23.64 4.03 -2.06
C PHE A 372 24.70 3.57 -3.05
N ASP A 373 25.86 4.21 -2.96
CA ASP A 373 27.00 3.87 -3.81
C ASP A 373 27.36 2.41 -3.73
N ARG A 374 27.17 1.78 -2.57
CA ARG A 374 27.41 0.35 -2.43
C ARG A 374 26.52 -0.44 -3.38
N VAL A 375 25.28 -0.01 -3.52
CA VAL A 375 24.28 -0.63 -4.38
C VAL A 375 24.64 -0.49 -5.85
N ILE A 376 24.92 0.74 -6.27
CA ILE A 376 25.32 1.03 -7.64
C ILE A 376 26.59 0.30 -8.04
N THR A 377 27.55 0.21 -7.11
CA THR A 377 28.78 -0.52 -7.40
C THR A 377 28.50 -1.99 -7.59
N ALA A 378 27.51 -2.52 -6.84
CA ALA A 378 27.16 -3.93 -7.00
C ALA A 378 26.44 -4.12 -8.33
N LEU A 379 25.64 -3.14 -8.71
CA LEU A 379 24.90 -3.21 -9.96
C LEU A 379 25.85 -3.25 -11.15
N HIS A 380 26.85 -2.36 -11.16
CA HIS A 380 27.82 -2.40 -12.27
C HIS A 380 28.57 -3.69 -12.29
N GLN A 381 29.02 -4.18 -11.12
CA GLN A 381 29.69 -5.48 -11.05
C GLN A 381 28.88 -6.53 -11.82
N ILE A 382 27.58 -6.58 -11.57
CA ILE A 382 26.70 -7.55 -12.18
C ILE A 382 26.16 -7.14 -13.52
N ALA A 383 25.95 -5.86 -13.78
CA ALA A 383 25.39 -5.39 -15.04
C ALA A 383 26.40 -5.50 -16.18
N GLY A 384 26.55 -6.71 -16.73
CA GLY A 384 27.52 -6.91 -17.81
C GLY A 384 28.92 -6.61 -17.26
C1 AKG B . 4.98 -7.93 3.06
O1 AKG B . 5.35 -9.12 2.48
O2 AKG B . 5.29 -6.89 2.49
C2 AKG B . 4.18 -7.92 4.26
O5 AKG B . 2.97 -7.82 4.08
C3 AKG B . 4.77 -8.08 5.65
C4 AKG B . 3.74 -8.26 6.75
C5 AKG B . 4.26 -8.35 8.17
O3 AKG B . 5.58 -8.44 8.45
O4 AKG B . 3.49 -8.35 9.12
C1 GOL C . -0.94 -6.25 17.34
O1 GOL C . -0.96 -6.57 18.72
C2 GOL C . -0.82 -4.74 17.14
O2 GOL C . 0.39 -4.25 17.66
C3 GOL C . -1.00 -4.38 15.68
O3 GOL C . -0.97 -2.98 15.50
C1 GOL D . -13.13 -1.91 30.61
O1 GOL D . -12.33 -3.05 30.88
C2 GOL D . -14.35 -1.87 31.54
O2 GOL D . -14.88 -0.56 31.55
C3 GOL D . -15.40 -2.87 31.09
O3 GOL D . -16.05 -3.49 32.17
#